data_2F08
#
_entry.id   2F08
#
_cell.length_a   106.124
_cell.length_b   54.328
_cell.length_c   102.354
_cell.angle_alpha   90.00
_cell.angle_beta   91.35
_cell.angle_gamma   90.00
#
_symmetry.space_group_name_H-M   'C 1 2 1'
#
loop_
_entity.id
_entity.type
_entity.pdbx_description
1 polymer 'mite allergen Der f II'
2 non-polymer 'O-ACETALDEHYDYL-HEXAETHYLENE GLYCOL'
3 water water
#
_entity_poly.entity_id   1
_entity_poly.type   'polypeptide(L)'
_entity_poly.pdbx_seq_one_letter_code
;DQVDVKDCANNEIKKVMVDGCHGSDPCIIHRGKPFTLEALFDANQNTKTAKIEIKASLDGLEIDVPGIDTNACHFVKCPL
VKGQQYDIKYTWNVPKIAPKSENVVVTVKLIGDNGVLACAIATHGKIRD
;
_entity_poly.pdbx_strand_id   A,B,C,D
#
# COMPACT_ATOMS: atom_id res chain seq x y z
N ASP A 1 18.31 11.65 20.54
CA ASP A 1 17.58 10.91 19.47
C ASP A 1 16.93 11.82 18.45
N GLN A 2 16.58 13.03 18.87
CA GLN A 2 15.96 13.99 17.97
C GLN A 2 16.89 14.34 16.81
N VAL A 3 16.32 14.48 15.62
CA VAL A 3 17.12 14.82 14.45
C VAL A 3 16.63 16.15 13.93
N ASP A 4 17.52 16.91 13.31
CA ASP A 4 17.20 18.22 12.76
C ASP A 4 16.36 18.12 11.48
N VAL A 5 15.23 18.81 11.46
CA VAL A 5 14.39 18.81 10.29
C VAL A 5 13.89 20.20 9.94
N LYS A 6 13.51 20.39 8.68
CA LYS A 6 12.97 21.66 8.21
C LYS A 6 11.49 21.40 8.02
N ASP A 7 10.66 22.28 8.59
CA ASP A 7 9.23 22.12 8.47
C ASP A 7 8.79 22.54 7.05
N CYS A 8 7.78 21.88 6.52
CA CYS A 8 7.29 22.23 5.19
C CYS A 8 5.76 22.29 5.16
N ALA A 9 5.20 22.71 6.29
CA ALA A 9 3.77 22.88 6.43
C ALA A 9 3.61 24.14 7.29
N ASN A 10 3.00 23.99 8.46
CA ASN A 10 2.83 25.15 9.32
C ASN A 10 3.28 24.88 10.76
N ASN A 11 4.42 24.20 10.88
CA ASN A 11 5.03 23.90 12.17
C ASN A 11 4.24 23.00 13.12
N GLU A 12 3.49 22.05 12.58
CA GLU A 12 2.75 21.16 13.48
C GLU A 12 3.65 20.04 13.98
N ILE A 13 4.79 19.85 13.34
CA ILE A 13 5.75 18.81 13.75
C ILE A 13 6.58 19.43 14.88
N LYS A 14 6.56 18.82 16.06
CA LYS A 14 7.31 19.38 17.16
C LYS A 14 8.70 18.79 17.29
N LYS A 15 8.82 17.51 16.96
CA LYS A 15 10.11 16.85 17.03
C LYS A 15 10.03 15.52 16.28
N VAL A 16 11.15 15.11 15.70
CA VAL A 16 11.18 13.86 14.98
C VAL A 16 12.47 13.13 15.31
N MET A 17 12.35 11.85 15.59
CA MET A 17 13.51 11.03 15.90
C MET A 17 13.53 9.83 14.99
N VAL A 18 14.71 9.37 14.61
CA VAL A 18 14.83 8.18 13.78
C VAL A 18 15.96 7.31 14.33
N ASP A 19 15.65 6.04 14.53
CA ASP A 19 16.60 5.06 15.05
C ASP A 19 18.03 5.22 14.53
N GLY A 20 18.97 5.39 15.45
CA GLY A 20 20.36 5.51 15.08
C GLY A 20 20.82 6.83 14.48
N CYS A 21 19.99 7.87 14.61
CA CYS A 21 20.35 9.17 14.06
C CYS A 21 20.35 10.26 15.14
N HIS A 22 21.14 11.30 14.93
CA HIS A 22 21.27 12.37 15.92
C HIS A 22 21.50 13.75 15.30
N GLY A 23 20.76 14.73 15.80
CA GLY A 23 20.91 16.10 15.32
C GLY A 23 21.07 16.24 13.83
N SER A 24 22.20 16.82 13.42
CA SER A 24 22.47 17.02 12.01
C SER A 24 23.62 16.14 11.52
N ASP A 25 23.89 15.03 12.22
CA ASP A 25 24.95 14.13 11.76
C ASP A 25 24.33 13.28 10.65
N PRO A 26 25.16 12.65 9.82
CA PRO A 26 24.60 11.83 8.75
C PRO A 26 23.63 10.83 9.35
N CYS A 27 22.47 10.70 8.73
CA CYS A 27 21.46 9.76 9.16
C CYS A 27 21.42 8.68 8.08
N ILE A 28 22.07 7.56 8.38
CA ILE A 28 22.19 6.46 7.42
C ILE A 28 20.99 5.56 7.32
N ILE A 29 20.53 5.38 6.08
CA ILE A 29 19.42 4.48 5.80
C ILE A 29 20.09 3.23 5.18
N HIS A 30 19.91 2.08 5.79
CA HIS A 30 20.51 0.86 5.28
C HIS A 30 19.52 0.13 4.37
N ARG A 31 19.88 -0.05 3.11
CA ARG A 31 19.00 -0.71 2.16
C ARG A 31 18.48 -2.03 2.67
N GLY A 32 17.17 -2.23 2.53
CA GLY A 32 16.55 -3.46 2.95
C GLY A 32 16.30 -3.52 4.44
N LYS A 33 16.94 -2.63 5.18
CA LYS A 33 16.78 -2.61 6.63
C LYS A 33 15.66 -1.66 7.05
N PRO A 34 14.78 -2.12 7.94
CA PRO A 34 13.66 -1.30 8.45
C PRO A 34 14.16 -0.05 9.16
N PHE A 35 13.66 1.09 8.70
CA PHE A 35 13.99 2.42 9.21
C PHE A 35 12.80 2.83 10.07
N THR A 36 13.02 3.10 11.35
CA THR A 36 11.91 3.49 12.21
C THR A 36 12.00 4.95 12.64
N LEU A 37 11.00 5.73 12.26
CA LEU A 37 11.00 7.14 12.60
C LEU A 37 9.78 7.51 13.40
N GLU A 38 9.99 8.38 14.38
CA GLU A 38 8.93 8.83 15.26
C GLU A 38 8.73 10.33 15.18
N ALA A 39 7.48 10.73 14.95
CA ALA A 39 7.18 12.14 14.87
C ALA A 39 6.11 12.52 15.89
N LEU A 40 6.32 13.65 16.55
CA LEU A 40 5.40 14.17 17.54
C LEU A 40 4.81 15.42 16.92
N PHE A 41 3.49 15.44 16.76
CA PHE A 41 2.87 16.62 16.15
C PHE A 41 1.54 17.00 16.78
N ASP A 42 1.14 18.24 16.53
CA ASP A 42 -0.14 18.75 17.05
C ASP A 42 -1.16 18.75 15.91
N ALA A 43 -2.27 18.06 16.11
CA ALA A 43 -3.32 18.03 15.09
C ALA A 43 -3.82 19.45 14.82
N ASN A 44 -3.77 19.88 13.56
CA ASN A 44 -4.22 21.21 13.18
C ASN A 44 -5.65 21.17 12.63
N GLN A 45 -6.37 20.11 12.95
CA GLN A 45 -7.71 19.94 12.44
C GLN A 45 -8.36 18.68 13.02
N ASN A 46 -9.66 18.57 12.84
CA ASN A 46 -10.37 17.37 13.27
C ASN A 46 -10.49 16.58 11.99
N THR A 47 -10.17 15.29 12.05
CA THR A 47 -10.25 14.46 10.85
C THR A 47 -10.42 13.02 11.25
N LYS A 48 -11.15 12.25 10.45
CA LYS A 48 -11.36 10.86 10.77
C LYS A 48 -10.38 9.93 10.05
N THR A 49 -9.68 10.47 9.06
CA THR A 49 -8.70 9.67 8.33
C THR A 49 -7.35 10.39 8.38
N ALA A 50 -6.30 9.63 8.23
CA ALA A 50 -4.96 10.19 8.25
C ALA A 50 -4.08 9.32 7.38
N LYS A 51 -3.36 9.94 6.47
CA LYS A 51 -2.46 9.22 5.57
C LYS A 51 -1.04 9.75 5.76
N ILE A 52 -0.07 8.83 5.76
CA ILE A 52 1.32 9.20 5.91
C ILE A 52 2.14 8.78 4.70
N GLU A 53 2.80 9.75 4.10
CA GLU A 53 3.63 9.51 2.92
C GLU A 53 5.08 9.88 3.18
N ILE A 54 5.99 8.97 2.87
CA ILE A 54 7.41 9.23 3.03
C ILE A 54 8.06 9.05 1.67
N LYS A 55 8.90 10.01 1.28
CA LYS A 55 9.58 9.97 0.00
C LYS A 55 11.01 10.39 0.18
N ALA A 56 11.91 9.79 -0.60
CA ALA A 56 13.31 10.15 -0.53
C ALA A 56 13.72 10.75 -1.87
N SER A 57 14.50 11.82 -1.81
CA SER A 57 14.99 12.51 -2.99
C SER A 57 16.51 12.40 -3.01
N LEU A 58 17.06 11.98 -4.15
CA LEU A 58 18.50 11.83 -4.28
C LEU A 58 18.97 12.05 -5.71
N ASP A 59 19.92 12.95 -5.87
CA ASP A 59 20.51 13.26 -7.17
C ASP A 59 19.55 13.27 -8.37
N GLY A 60 18.51 14.10 -8.29
CA GLY A 60 17.57 14.20 -9.39
C GLY A 60 16.54 13.09 -9.48
N LEU A 61 16.51 12.21 -8.49
CA LEU A 61 15.57 11.09 -8.48
C LEU A 61 14.78 11.05 -7.19
N GLU A 62 13.48 10.85 -7.31
CA GLU A 62 12.61 10.77 -6.15
C GLU A 62 12.03 9.37 -6.09
N ILE A 63 12.02 8.79 -4.89
CA ILE A 63 11.51 7.43 -4.72
C ILE A 63 10.54 7.30 -3.58
N ASP A 64 9.67 6.30 -3.67
CA ASP A 64 8.73 5.95 -2.61
C ASP A 64 8.62 4.45 -2.68
N VAL A 65 8.13 3.82 -1.61
CA VAL A 65 8.05 2.37 -1.54
C VAL A 65 6.63 1.86 -1.58
N PRO A 66 6.23 1.22 -2.69
CA PRO A 66 4.88 0.69 -2.79
C PRO A 66 4.75 -0.56 -1.93
N GLY A 67 3.53 -0.85 -1.48
CA GLY A 67 3.35 -2.04 -0.66
C GLY A 67 3.52 -1.81 0.83
N ILE A 68 3.43 -0.56 1.26
CA ILE A 68 3.54 -0.25 2.69
C ILE A 68 2.23 0.38 3.16
N ASP A 69 1.82 0.09 4.39
CA ASP A 69 0.60 0.66 4.92
C ASP A 69 0.77 2.17 5.15
N THR A 70 -0.02 2.97 4.47
CA THR A 70 0.04 4.43 4.57
C THR A 70 -1.14 5.01 5.37
N ASN A 71 -1.89 4.15 6.03
CA ASN A 71 -3.02 4.60 6.83
C ASN A 71 -2.50 4.91 8.23
N ALA A 72 -2.17 6.18 8.48
CA ALA A 72 -1.65 6.58 9.77
C ALA A 72 -2.58 6.17 10.91
N CYS A 73 -3.87 6.04 10.61
CA CYS A 73 -4.82 5.64 11.63
C CYS A 73 -4.59 4.21 12.11
N HIS A 74 -3.58 3.54 11.56
CA HIS A 74 -3.25 2.19 12.02
C HIS A 74 -2.11 2.31 13.04
N PHE A 75 -1.66 3.54 13.25
CA PHE A 75 -0.55 3.80 14.17
C PHE A 75 -0.92 4.73 15.32
N VAL A 76 -2.03 5.44 15.18
CA VAL A 76 -2.51 6.36 16.22
C VAL A 76 -4.04 6.26 16.33
N LYS A 77 -4.59 6.81 17.39
CA LYS A 77 -6.04 6.80 17.61
C LYS A 77 -6.77 7.86 16.82
N CYS A 78 -7.54 7.42 15.82
CA CYS A 78 -8.33 8.34 15.01
C CYS A 78 -9.79 8.20 15.49
N PRO A 79 -10.63 9.21 15.21
CA PRO A 79 -10.27 10.44 14.51
C PRO A 79 -9.34 11.31 15.35
N LEU A 80 -8.65 12.23 14.69
CA LEU A 80 -7.74 13.12 15.39
C LEU A 80 -8.48 14.37 15.90
N VAL A 81 -8.07 14.85 17.08
CA VAL A 81 -8.68 16.02 17.71
C VAL A 81 -7.80 17.26 17.55
N LYS A 82 -8.34 18.28 16.89
CA LYS A 82 -7.59 19.52 16.66
C LYS A 82 -6.98 20.04 17.96
N GLY A 83 -5.77 20.57 17.85
CA GLY A 83 -5.10 21.11 19.02
C GLY A 83 -4.43 20.04 19.86
N GLN A 84 -4.96 18.82 19.80
CA GLN A 84 -4.40 17.72 20.57
C GLN A 84 -3.07 17.21 19.96
N GLN A 85 -2.22 16.62 20.78
CA GLN A 85 -0.92 16.16 20.33
C GLN A 85 -0.80 14.64 20.14
N TYR A 86 -0.13 14.25 19.05
CA TYR A 86 0.04 12.85 18.74
C TYR A 86 1.49 12.46 18.47
N ASP A 87 1.79 11.21 18.77
CA ASP A 87 3.12 10.65 18.62
C ASP A 87 3.06 9.40 17.73
N ILE A 88 3.42 9.55 16.46
CA ILE A 88 3.37 8.41 15.55
C ILE A 88 4.71 7.70 15.34
N LYS A 89 4.72 6.38 15.50
CA LYS A 89 5.91 5.55 15.30
C LYS A 89 5.69 4.72 14.03
N TYR A 90 6.31 5.14 12.94
CA TYR A 90 6.14 4.47 11.66
C TYR A 90 7.40 3.79 11.17
N THR A 91 7.26 2.57 10.67
CA THR A 91 8.40 1.81 10.15
C THR A 91 8.45 1.85 8.64
N TRP A 92 9.53 2.39 8.10
CA TRP A 92 9.71 2.52 6.68
C TRP A 92 10.89 1.64 6.32
N ASN A 93 10.94 1.17 5.08
CA ASN A 93 12.04 0.33 4.65
C ASN A 93 12.29 0.39 3.16
N VAL A 94 13.45 0.94 2.82
CA VAL A 94 13.91 1.12 1.45
C VAL A 94 14.50 -0.18 0.89
N PRO A 95 13.95 -0.67 -0.24
CA PRO A 95 14.41 -1.90 -0.90
C PRO A 95 15.85 -1.84 -1.43
N LYS A 96 16.52 -3.00 -1.50
CA LYS A 96 17.89 -3.06 -1.97
C LYS A 96 18.13 -2.44 -3.33
N ILE A 97 17.10 -2.44 -4.18
CA ILE A 97 17.28 -1.89 -5.51
C ILE A 97 17.50 -0.37 -5.49
N ALA A 98 17.06 0.27 -4.42
CA ALA A 98 17.25 1.72 -4.30
C ALA A 98 18.72 2.07 -4.51
N PRO A 99 19.00 3.08 -5.33
CA PRO A 99 20.42 3.42 -5.53
C PRO A 99 20.98 4.09 -4.27
N LYS A 100 22.28 3.91 -4.06
CA LYS A 100 22.95 4.50 -2.90
C LYS A 100 23.28 5.95 -3.19
N SER A 101 23.42 6.74 -2.14
CA SER A 101 23.71 8.15 -2.28
C SER A 101 24.17 8.75 -0.96
N GLU A 102 24.98 9.79 -1.06
CA GLU A 102 25.49 10.47 0.13
C GLU A 102 24.76 11.80 0.26
N ASN A 103 23.70 11.97 -0.52
CA ASN A 103 22.93 13.22 -0.48
C ASN A 103 21.46 12.95 -0.66
N VAL A 104 20.81 12.47 0.39
CA VAL A 104 19.40 12.21 0.27
C VAL A 104 18.54 12.98 1.28
N VAL A 105 17.48 13.57 0.75
CA VAL A 105 16.52 14.34 1.51
C VAL A 105 15.28 13.47 1.71
N VAL A 106 14.85 13.35 2.95
CA VAL A 106 13.69 12.54 3.28
C VAL A 106 12.55 13.44 3.74
N THR A 107 11.40 13.36 3.05
CA THR A 107 10.24 14.16 3.43
C THR A 107 9.15 13.29 4.03
N VAL A 108 8.64 13.68 5.19
CA VAL A 108 7.58 12.94 5.84
C VAL A 108 6.37 13.85 5.78
N LYS A 109 5.25 13.33 5.28
CA LYS A 109 4.05 14.13 5.17
C LYS A 109 2.82 13.37 5.68
N LEU A 110 1.96 14.08 6.39
CA LEU A 110 0.74 13.50 6.92
C LEU A 110 -0.40 14.30 6.28
N ILE A 111 -1.40 13.61 5.76
CA ILE A 111 -2.53 14.26 5.12
C ILE A 111 -3.84 13.92 5.83
N GLY A 112 -4.70 14.94 6.02
CA GLY A 112 -5.97 14.72 6.68
C GLY A 112 -7.16 15.03 5.77
N ASP A 113 -8.37 14.96 6.33
CA ASP A 113 -9.58 15.25 5.57
C ASP A 113 -9.57 16.66 4.99
N ASN A 114 -9.11 17.63 5.79
CA ASN A 114 -9.09 19.02 5.33
C ASN A 114 -7.75 19.50 4.81
N GLY A 115 -6.88 18.56 4.41
CA GLY A 115 -5.59 18.95 3.90
C GLY A 115 -4.40 18.45 4.72
N VAL A 116 -3.24 19.05 4.47
CA VAL A 116 -2.00 18.67 5.14
C VAL A 116 -2.03 18.75 6.65
N LEU A 117 -1.67 17.64 7.29
CA LEU A 117 -1.61 17.57 8.74
C LEU A 117 -0.25 18.07 9.18
N ALA A 118 0.81 17.51 8.60
CA ALA A 118 2.17 17.90 8.96
C ALA A 118 3.16 17.58 7.84
N CYS A 119 4.28 18.30 7.83
CA CYS A 119 5.30 18.11 6.82
C CYS A 119 6.66 18.48 7.38
N ALA A 120 7.63 17.57 7.27
CA ALA A 120 8.99 17.79 7.76
C ALA A 120 10.00 17.19 6.79
N ILE A 121 11.15 17.84 6.70
CA ILE A 121 12.22 17.40 5.81
C ILE A 121 13.52 17.14 6.58
N ALA A 122 14.09 15.95 6.39
CA ALA A 122 15.36 15.58 7.01
C ALA A 122 16.39 15.64 5.90
N THR A 123 17.32 16.58 5.98
CA THR A 123 18.32 16.75 4.92
C THR A 123 19.68 16.05 5.05
N HIS A 124 19.91 15.31 6.12
CA HIS A 124 21.21 14.66 6.28
C HIS A 124 21.14 13.16 6.13
N GLY A 125 20.30 12.72 5.19
CA GLY A 125 20.14 11.30 4.96
C GLY A 125 21.19 10.76 4.01
N LYS A 126 21.45 9.47 4.16
CA LYS A 126 22.40 8.78 3.31
C LYS A 126 21.90 7.36 3.12
N ILE A 127 21.90 6.89 1.88
CA ILE A 127 21.47 5.53 1.59
C ILE A 127 22.72 4.73 1.28
N ARG A 128 22.88 3.64 2.01
CA ARG A 128 24.05 2.80 1.85
C ARG A 128 23.64 1.40 2.27
N ASP A 129 24.56 0.44 2.15
CA ASP A 129 24.26 -0.92 2.55
C ASP A 129 24.18 -1.01 4.08
N ASP B 1 10.42 -13.75 27.88
CA ASP B 1 11.13 -12.49 28.23
C ASP B 1 10.68 -11.38 27.29
N GLN B 2 10.59 -10.19 27.87
CA GLN B 2 10.14 -9.01 27.14
C GLN B 2 10.93 -8.64 25.90
N VAL B 3 10.23 -8.17 24.87
CA VAL B 3 10.85 -7.76 23.62
C VAL B 3 10.46 -6.31 23.38
N ASP B 4 11.29 -5.58 22.65
CA ASP B 4 11.01 -4.17 22.37
C ASP B 4 9.95 -4.00 21.28
N VAL B 5 8.86 -3.34 21.60
CA VAL B 5 7.81 -3.11 20.62
C VAL B 5 7.43 -1.65 20.53
N LYS B 6 6.87 -1.28 19.38
CA LYS B 6 6.40 0.08 19.15
C LYS B 6 4.90 -0.03 19.31
N ASP B 7 4.31 0.85 20.12
CA ASP B 7 2.86 0.85 20.33
C ASP B 7 2.21 1.52 19.14
N CYS B 8 1.11 0.96 18.64
CA CYS B 8 0.40 1.55 17.50
C CYS B 8 -1.05 1.91 17.81
N ALA B 9 -1.35 2.10 19.09
CA ALA B 9 -2.70 2.48 19.52
C ALA B 9 -2.55 3.64 20.50
N ASN B 10 -2.87 3.39 21.77
CA ASN B 10 -2.75 4.43 22.78
C ASN B 10 -2.17 3.89 24.08
N ASN B 11 -1.05 3.18 23.94
CA ASN B 11 -0.30 2.60 25.03
C ASN B 11 -1.04 1.67 25.98
N GLU B 12 -2.03 0.96 25.46
CA GLU B 12 -2.77 0.01 26.29
C GLU B 12 -1.86 -1.17 26.63
N ILE B 13 -0.93 -1.48 25.74
CA ILE B 13 -0.01 -2.61 25.95
C ILE B 13 1.01 -2.28 27.01
N LYS B 14 1.06 -3.11 28.06
CA LYS B 14 2.03 -2.89 29.12
C LYS B 14 3.36 -3.54 28.74
N LYS B 15 3.28 -4.78 28.26
CA LYS B 15 4.48 -5.49 27.85
C LYS B 15 4.12 -6.69 26.98
N VAL B 16 5.09 -7.14 26.21
CA VAL B 16 4.89 -8.29 25.36
C VAL B 16 6.17 -9.12 25.37
N MET B 17 5.99 -10.43 25.51
CA MET B 17 7.10 -11.36 25.51
C MET B 17 6.84 -12.50 24.54
N VAL B 18 7.90 -12.97 23.91
CA VAL B 18 7.78 -14.07 22.98
C VAL B 18 8.87 -15.10 23.30
N ASP B 19 8.50 -16.37 23.19
CA ASP B 19 9.42 -17.46 23.46
C ASP B 19 10.62 -17.39 22.52
N GLY B 20 11.82 -17.38 23.09
CA GLY B 20 13.02 -17.34 22.27
C GLY B 20 13.48 -15.99 21.77
N CYS B 21 12.86 -14.91 22.24
CA CYS B 21 13.29 -13.58 21.82
C CYS B 21 13.64 -12.72 23.03
N HIS B 22 14.34 -11.62 22.79
CA HIS B 22 14.81 -10.78 23.88
C HIS B 22 15.09 -9.34 23.44
N GLY B 23 14.56 -8.40 24.21
CA GLY B 23 14.78 -6.99 23.92
C GLY B 23 14.66 -6.64 22.46
N SER B 24 15.72 -6.04 21.92
CA SER B 24 15.72 -5.62 20.53
C SER B 24 16.58 -6.50 19.63
N ASP B 25 16.97 -7.67 20.11
CA ASP B 25 17.77 -8.60 19.32
C ASP B 25 16.86 -9.16 18.23
N PRO B 26 17.44 -9.74 17.17
CA PRO B 26 16.59 -10.29 16.12
C PRO B 26 15.68 -11.37 16.71
N CYS B 27 14.40 -11.31 16.40
CA CYS B 27 13.44 -12.29 16.90
C CYS B 27 13.10 -13.21 15.73
N ILE B 28 13.68 -14.40 15.76
CA ILE B 28 13.50 -15.35 14.69
C ILE B 28 12.24 -16.19 14.75
N ILE B 29 11.47 -16.14 13.66
CA ILE B 29 10.26 -16.94 13.54
C ILE B 29 10.67 -18.11 12.65
N HIS B 30 10.42 -19.33 13.11
CA HIS B 30 10.79 -20.53 12.37
C HIS B 30 9.61 -21.15 11.62
N ARG B 31 9.67 -21.10 10.30
CA ARG B 31 8.60 -21.66 9.48
C ARG B 31 8.19 -23.04 9.98
N GLY B 32 6.89 -23.31 9.94
CA GLY B 32 6.39 -24.60 10.39
C GLY B 32 6.48 -24.80 11.88
N LYS B 33 7.03 -23.82 12.59
CA LYS B 33 7.17 -23.92 14.04
C LYS B 33 6.29 -22.92 14.80
N PRO B 34 5.81 -23.31 15.98
CA PRO B 34 4.95 -22.43 16.79
C PRO B 34 5.65 -21.18 17.31
N PHE B 35 5.01 -20.04 17.08
CA PHE B 35 5.52 -18.77 17.54
C PHE B 35 4.60 -18.39 18.70
N THR B 36 5.11 -18.47 19.91
CA THR B 36 4.31 -18.17 21.10
C THR B 36 4.59 -16.79 21.71
N LEU B 37 3.55 -15.99 21.82
CA LEU B 37 3.69 -14.66 22.40
C LEU B 37 2.70 -14.46 23.53
N GLU B 38 3.02 -13.50 24.40
CA GLU B 38 2.18 -13.17 25.53
C GLU B 38 2.12 -11.65 25.62
N ALA B 39 0.91 -11.12 25.83
CA ALA B 39 0.76 -9.67 25.93
C ALA B 39 -0.06 -9.32 27.15
N LEU B 40 0.44 -8.34 27.89
CA LEU B 40 -0.22 -7.87 29.09
C LEU B 40 -0.78 -6.49 28.74
N PHE B 41 -2.08 -6.29 28.94
CA PHE B 41 -2.65 -4.99 28.61
C PHE B 41 -3.81 -4.60 29.51
N ASP B 42 -4.17 -3.33 29.43
CA ASP B 42 -5.28 -2.78 30.19
C ASP B 42 -6.43 -2.49 29.22
N ALA B 43 -7.61 -3.02 29.51
CA ALA B 43 -8.77 -2.79 28.67
C ALA B 43 -9.07 -1.29 28.61
N ASN B 44 -9.28 -0.78 27.40
CA ASN B 44 -9.59 0.63 27.24
C ASN B 44 -11.08 0.80 27.02
N GLN B 45 -11.84 -0.23 27.35
CA GLN B 45 -13.28 -0.19 27.14
C GLN B 45 -13.92 -1.42 27.72
N ASN B 46 -15.25 -1.40 27.76
CA ASN B 46 -16.00 -2.55 28.23
C ASN B 46 -16.43 -3.16 26.90
N THR B 47 -16.20 -4.45 26.74
CA THR B 47 -16.55 -5.09 25.49
C THR B 47 -16.89 -6.54 25.72
N LYS B 48 -17.89 -7.03 25.00
CA LYS B 48 -18.32 -8.42 25.13
C LYS B 48 -17.49 -9.35 24.25
N THR B 49 -16.90 -8.80 23.21
CA THR B 49 -16.09 -9.60 22.30
C THR B 49 -14.69 -9.01 22.19
N ALA B 50 -13.75 -9.85 21.77
CA ALA B 50 -12.37 -9.44 21.59
C ALA B 50 -11.78 -10.34 20.52
N LYS B 51 -11.14 -9.73 19.54
CA LYS B 51 -10.53 -10.47 18.45
C LYS B 51 -9.03 -10.15 18.41
N ILE B 52 -8.21 -11.18 18.22
CA ILE B 52 -6.77 -10.98 18.13
C ILE B 52 -6.29 -11.27 16.72
N GLU B 53 -5.65 -10.27 16.12
CA GLU B 53 -5.13 -10.39 14.77
C GLU B 53 -3.62 -10.26 14.74
N ILE B 54 -2.96 -11.25 14.16
CA ILE B 54 -1.51 -11.21 14.03
C ILE B 54 -1.19 -11.20 12.53
N LYS B 55 -0.31 -10.28 12.15
CA LYS B 55 0.09 -10.17 10.76
C LYS B 55 1.56 -9.90 10.70
N ALA B 56 2.18 -10.29 9.60
CA ALA B 56 3.61 -10.05 9.41
C ALA B 56 3.74 -9.35 8.09
N SER B 57 4.68 -8.42 8.02
CA SER B 57 4.90 -7.66 6.79
C SER B 57 6.37 -7.77 6.43
N LEU B 58 6.62 -8.16 5.18
CA LEU B 58 7.98 -8.33 4.67
C LEU B 58 8.09 -8.00 3.20
N ASP B 59 9.06 -7.16 2.88
CA ASP B 59 9.35 -6.77 1.50
C ASP B 59 8.15 -6.50 0.59
N GLY B 60 7.26 -5.62 1.04
CA GLY B 60 6.10 -5.25 0.25
C GLY B 60 4.93 -6.21 0.19
N LEU B 61 4.93 -7.21 1.07
CA LEU B 61 3.87 -8.21 1.11
C LEU B 61 3.43 -8.36 2.56
N GLU B 62 2.14 -8.58 2.76
CA GLU B 62 1.60 -8.77 4.11
C GLU B 62 1.04 -10.18 4.18
N ILE B 63 1.28 -10.88 5.27
CA ILE B 63 0.79 -12.25 5.42
C ILE B 63 0.09 -12.53 6.74
N ASP B 64 -0.83 -13.48 6.72
CA ASP B 64 -1.54 -13.89 7.92
C ASP B 64 -1.88 -15.36 7.74
N VAL B 65 -2.30 -15.99 8.82
CA VAL B 65 -2.62 -17.41 8.81
C VAL B 65 -4.11 -17.59 8.99
N PRO B 66 -4.80 -17.98 7.90
CA PRO B 66 -6.24 -18.19 7.94
C PRO B 66 -6.51 -19.53 8.61
N GLY B 67 -7.70 -19.69 9.16
CA GLY B 67 -8.03 -20.95 9.78
C GLY B 67 -7.73 -21.08 11.26
N ILE B 68 -7.06 -20.10 11.84
CA ILE B 68 -6.76 -20.16 13.26
C ILE B 68 -7.83 -19.41 14.08
N ASP B 69 -7.89 -19.73 15.37
CA ASP B 69 -8.85 -19.10 16.27
C ASP B 69 -8.43 -17.64 16.54
N THR B 70 -9.26 -16.69 16.15
CA THR B 70 -8.95 -15.28 16.37
C THR B 70 -9.84 -14.69 17.45
N ASN B 71 -10.60 -15.55 18.13
CA ASN B 71 -11.50 -15.10 19.19
C ASN B 71 -10.72 -15.06 20.50
N ALA B 72 -10.25 -13.86 20.84
CA ALA B 72 -9.46 -13.67 22.08
C ALA B 72 -10.20 -14.11 23.35
N CYS B 73 -11.52 -14.07 23.33
CA CYS B 73 -12.31 -14.47 24.49
C CYS B 73 -12.13 -15.92 24.87
N HIS B 74 -11.41 -16.67 24.04
CA HIS B 74 -11.13 -18.08 24.32
C HIS B 74 -9.84 -18.12 25.12
N PHE B 75 -9.20 -16.96 25.23
CA PHE B 75 -7.91 -16.86 25.92
C PHE B 75 -7.94 -15.96 27.16
N VAL B 76 -8.94 -15.11 27.27
CA VAL B 76 -9.09 -14.25 28.43
C VAL B 76 -10.56 -14.22 28.82
N LYS B 77 -10.82 -13.85 30.07
CA LYS B 77 -12.17 -13.77 30.59
C LYS B 77 -12.97 -12.60 30.03
N CYS B 78 -13.93 -12.90 29.16
CA CYS B 78 -14.76 -11.85 28.60
C CYS B 78 -16.13 -11.92 29.29
N PRO B 79 -16.87 -10.80 29.29
CA PRO B 79 -16.47 -9.53 28.67
C PRO B 79 -15.35 -8.82 29.43
N LEU B 80 -14.64 -7.95 28.71
CA LEU B 80 -13.56 -7.21 29.32
C LEU B 80 -14.12 -5.98 30.02
N VAL B 81 -13.53 -5.67 31.19
CA VAL B 81 -13.93 -4.53 32.00
C VAL B 81 -12.91 -3.42 31.86
N LYS B 82 -13.36 -2.25 31.44
CA LYS B 82 -12.47 -1.11 31.26
C LYS B 82 -11.53 -0.91 32.47
N GLY B 83 -10.30 -0.47 32.17
CA GLY B 83 -9.32 -0.23 33.23
C GLY B 83 -8.66 -1.49 33.74
N GLN B 84 -9.38 -2.60 33.71
CA GLN B 84 -8.85 -3.87 34.17
C GLN B 84 -7.71 -4.39 33.28
N GLN B 85 -6.75 -5.06 33.90
CA GLN B 85 -5.59 -5.59 33.20
C GLN B 85 -5.76 -7.04 32.75
N TYR B 86 -5.35 -7.33 31.54
CA TYR B 86 -5.45 -8.69 31.04
C TYR B 86 -4.15 -9.21 30.49
N ASP B 87 -4.01 -10.53 30.52
CA ASP B 87 -2.82 -11.20 30.06
C ASP B 87 -3.18 -12.28 29.04
N ILE B 88 -2.79 -12.09 27.79
CA ILE B 88 -3.10 -13.07 26.74
C ILE B 88 -1.87 -13.80 26.17
N LYS B 89 -1.88 -15.13 26.28
CA LYS B 89 -0.80 -15.97 25.74
C LYS B 89 -1.35 -16.63 24.49
N TYR B 90 -0.68 -16.43 23.36
CA TYR B 90 -1.18 -16.97 22.10
C TYR B 90 -0.08 -17.64 21.27
N THR B 91 -0.42 -18.75 20.63
CA THR B 91 0.53 -19.46 19.79
C THR B 91 0.16 -19.27 18.33
N TRP B 92 1.05 -18.64 17.57
CA TRP B 92 0.84 -18.37 16.16
C TRP B 92 1.65 -19.38 15.33
N ASN B 93 0.96 -20.18 14.53
CA ASN B 93 1.61 -21.19 13.70
C ASN B 93 1.84 -20.76 12.27
N VAL B 94 3.07 -20.34 11.96
CA VAL B 94 3.41 -19.90 10.60
C VAL B 94 3.74 -21.13 9.75
N PRO B 95 3.03 -21.32 8.63
CA PRO B 95 3.25 -22.45 7.73
C PRO B 95 4.63 -22.44 7.06
N LYS B 96 5.11 -23.61 6.62
CA LYS B 96 6.42 -23.71 5.98
C LYS B 96 6.52 -22.92 4.69
N ILE B 97 5.38 -22.65 4.06
CA ILE B 97 5.37 -21.94 2.80
C ILE B 97 5.67 -20.44 2.95
N ALA B 98 5.62 -19.94 4.18
CA ALA B 98 5.89 -18.52 4.40
C ALA B 98 7.27 -18.19 3.86
N PRO B 99 7.40 -17.12 3.08
CA PRO B 99 8.74 -16.82 2.57
C PRO B 99 9.72 -16.45 3.68
N LYS B 100 11.00 -16.69 3.42
CA LYS B 100 12.02 -16.34 4.38
C LYS B 100 12.44 -14.91 4.09
N SER B 101 12.78 -14.17 5.13
CA SER B 101 13.19 -12.79 4.99
C SER B 101 13.97 -12.40 6.24
N GLU B 102 14.93 -11.52 6.07
CA GLU B 102 15.76 -11.07 7.17
C GLU B 102 15.23 -9.76 7.74
N ASN B 103 14.14 -9.28 7.17
CA ASN B 103 13.53 -8.03 7.59
C ASN B 103 12.01 -8.12 7.60
N VAL B 104 11.45 -8.54 8.73
CA VAL B 104 10.02 -8.64 8.82
C VAL B 104 9.46 -7.96 10.05
N VAL B 105 8.34 -7.27 9.85
CA VAL B 105 7.63 -6.53 10.87
C VAL B 105 6.38 -7.31 11.26
N VAL B 106 6.24 -7.57 12.55
CA VAL B 106 5.08 -8.31 13.06
C VAL B 106 4.20 -7.38 13.90
N THR B 107 2.92 -7.30 13.53
CA THR B 107 2.00 -6.47 14.29
C THR B 107 0.94 -7.32 14.97
N VAL B 108 0.73 -7.08 16.26
CA VAL B 108 -0.27 -7.81 17.02
C VAL B 108 -1.33 -6.79 17.38
N LYS B 109 -2.58 -7.09 17.06
CA LYS B 109 -3.68 -6.17 17.33
C LYS B 109 -4.84 -6.88 18.01
N LEU B 110 -5.50 -6.17 18.92
CA LEU B 110 -6.66 -6.70 19.63
C LEU B 110 -7.80 -5.73 19.35
N ILE B 111 -8.94 -6.28 18.91
CA ILE B 111 -10.11 -5.48 18.57
C ILE B 111 -11.32 -5.85 19.42
N GLY B 112 -12.01 -4.85 19.93
CA GLY B 112 -13.19 -5.10 20.74
C GLY B 112 -14.40 -4.43 20.11
N ASP B 113 -15.54 -4.50 20.78
CA ASP B 113 -16.79 -3.90 20.31
C ASP B 113 -16.66 -2.44 19.85
N ASN B 114 -16.01 -1.62 20.65
CA ASN B 114 -15.87 -0.21 20.33
C ASN B 114 -14.54 0.23 19.72
N GLY B 115 -13.86 -0.69 19.02
CA GLY B 115 -12.60 -0.33 18.39
C GLY B 115 -11.35 -1.03 18.89
N VAL B 116 -10.21 -0.53 18.47
CA VAL B 116 -8.92 -1.10 18.87
C VAL B 116 -8.74 -1.18 20.38
N LEU B 117 -8.39 -2.37 20.84
CA LEU B 117 -8.15 -2.65 22.24
C LEU B 117 -6.66 -2.41 22.54
N ALA B 118 -5.79 -2.95 21.68
CA ALA B 118 -4.34 -2.80 21.84
C ALA B 118 -3.62 -3.04 20.51
N CYS B 119 -2.44 -2.46 20.36
CA CYS B 119 -1.68 -2.60 19.13
C CYS B 119 -0.17 -2.48 19.38
N ALA B 120 0.59 -3.52 18.99
CA ALA B 120 2.04 -3.52 19.15
C ALA B 120 2.76 -4.05 17.92
N ILE B 121 3.89 -3.44 17.63
CA ILE B 121 4.71 -3.79 16.49
C ILE B 121 6.13 -4.20 16.89
N ALA B 122 6.53 -5.40 16.47
CA ALA B 122 7.88 -5.93 16.70
C ALA B 122 8.62 -5.74 15.36
N THR B 123 9.57 -4.82 15.34
CA THR B 123 10.30 -4.52 14.10
C THR B 123 11.60 -5.30 13.90
N HIS B 124 11.94 -6.20 14.79
CA HIS B 124 13.20 -6.94 14.64
C HIS B 124 12.96 -8.41 14.30
N GLY B 125 11.92 -8.66 13.53
CA GLY B 125 11.58 -10.02 13.15
C GLY B 125 12.40 -10.55 11.99
N LYS B 126 12.42 -11.86 11.88
CA LYS B 126 13.12 -12.56 10.82
C LYS B 126 12.41 -13.89 10.65
N ILE B 127 12.20 -14.30 9.40
CA ILE B 127 11.56 -15.58 9.13
C ILE B 127 12.63 -16.45 8.49
N ARG B 128 12.90 -17.58 9.15
CA ARG B 128 13.90 -18.53 8.69
C ARG B 128 13.38 -19.94 8.94
N ASP B 129 14.20 -20.94 8.62
CA ASP B 129 13.82 -22.33 8.83
C ASP B 129 13.96 -22.70 10.29
N ASP C 1 -12.22 -16.00 -22.40
CA ASP C 1 -11.57 -14.94 -21.58
C ASP C 1 -12.17 -14.92 -20.17
N GLN C 2 -13.44 -15.30 -20.08
CA GLN C 2 -14.13 -15.37 -18.80
C GLN C 2 -13.51 -16.54 -18.02
N VAL C 3 -13.55 -16.48 -16.69
CA VAL C 3 -12.97 -17.55 -15.89
C VAL C 3 -13.98 -18.16 -14.93
N ASP C 4 -13.76 -19.44 -14.60
CA ASP C 4 -14.65 -20.14 -13.68
C ASP C 4 -14.36 -19.71 -12.24
N VAL C 5 -15.35 -19.10 -11.61
CA VAL C 5 -15.22 -18.66 -10.22
C VAL C 5 -16.40 -19.15 -9.40
N LYS C 6 -16.16 -19.37 -8.11
CA LYS C 6 -17.21 -19.80 -7.20
C LYS C 6 -17.67 -18.53 -6.47
N ASP C 7 -18.98 -18.33 -6.37
CA ASP C 7 -19.51 -17.14 -5.71
C ASP C 7 -19.44 -17.34 -4.19
N CYS C 8 -19.22 -16.25 -3.46
CA CYS C 8 -19.16 -16.32 -1.99
C CYS C 8 -19.94 -15.17 -1.37
N ALA C 9 -21.02 -14.80 -2.03
CA ALA C 9 -21.90 -13.75 -1.59
C ALA C 9 -23.28 -14.26 -1.96
N ASN C 10 -23.96 -13.57 -2.86
CA ASN C 10 -25.29 -14.00 -3.27
C ASN C 10 -25.51 -13.91 -4.79
N ASN C 11 -24.49 -14.28 -5.56
CA ASN C 11 -24.54 -14.27 -7.01
C ASN C 11 -24.62 -12.93 -7.71
N GLU C 12 -24.19 -11.85 -7.06
CA GLU C 12 -24.23 -10.56 -7.72
C GLU C 12 -23.12 -10.43 -8.78
N ILE C 13 -22.17 -11.35 -8.74
CA ILE C 13 -21.08 -11.37 -9.71
C ILE C 13 -21.63 -12.07 -10.94
N LYS C 14 -21.72 -11.35 -12.05
CA LYS C 14 -22.26 -11.93 -13.25
C LYS C 14 -21.21 -12.70 -14.04
N LYS C 15 -20.04 -12.08 -14.19
CA LYS C 15 -18.95 -12.72 -14.90
C LYS C 15 -17.63 -12.04 -14.53
N VAL C 16 -16.55 -12.80 -14.59
CA VAL C 16 -15.25 -12.25 -14.28
C VAL C 16 -14.22 -12.80 -15.25
N MET C 17 -13.36 -11.93 -15.74
CA MET C 17 -12.32 -12.35 -16.66
C MET C 17 -11.00 -11.77 -16.20
N VAL C 18 -9.91 -12.46 -16.51
CA VAL C 18 -8.60 -11.96 -16.13
C VAL C 18 -7.65 -12.11 -17.31
N ASP C 19 -6.83 -11.10 -17.51
CA ASP C 19 -5.86 -11.06 -18.59
C ASP C 19 -4.97 -12.30 -18.62
N GLY C 20 -5.10 -13.11 -19.67
CA GLY C 20 -4.27 -14.30 -19.78
C GLY C 20 -4.82 -15.57 -19.15
N CYS C 21 -6.08 -15.56 -18.75
CA CYS C 21 -6.67 -16.77 -18.16
C CYS C 21 -7.93 -17.16 -18.94
N HIS C 22 -8.38 -18.39 -18.78
CA HIS C 22 -9.53 -18.86 -19.53
C HIS C 22 -10.25 -20.03 -18.86
N GLY C 23 -11.56 -19.93 -18.75
CA GLY C 23 -12.34 -20.99 -18.14
C GLY C 23 -11.82 -21.54 -16.82
N SER C 24 -11.54 -22.84 -16.80
CA SER C 24 -11.05 -23.47 -15.59
C SER C 24 -9.61 -23.93 -15.74
N ASP C 25 -8.91 -23.40 -16.73
CA ASP C 25 -7.51 -23.77 -16.93
C ASP C 25 -6.70 -23.06 -15.84
N PRO C 26 -5.47 -23.51 -15.58
CA PRO C 26 -4.65 -22.87 -14.55
C PRO C 26 -4.50 -21.38 -14.84
N CYS C 27 -4.95 -20.53 -13.93
CA CYS C 27 -4.82 -19.08 -14.14
C CYS C 27 -3.50 -18.66 -13.48
N ILE C 28 -2.52 -18.33 -14.30
CA ILE C 28 -1.19 -17.99 -13.80
C ILE C 28 -0.94 -16.56 -13.35
N ILE C 29 -0.49 -16.44 -12.11
CA ILE C 29 -0.14 -15.14 -11.53
C ILE C 29 1.38 -15.10 -11.52
N HIS C 30 1.97 -14.22 -12.32
CA HIS C 30 3.42 -14.12 -12.39
C HIS C 30 3.90 -13.10 -11.36
N ARG C 31 4.70 -13.55 -10.39
CA ARG C 31 5.22 -12.66 -9.34
C ARG C 31 5.92 -11.47 -9.94
N GLY C 32 5.67 -10.29 -9.39
CA GLY C 32 6.33 -9.09 -9.88
C GLY C 32 5.73 -8.49 -11.13
N LYS C 33 4.73 -9.16 -11.69
CA LYS C 33 4.05 -8.66 -12.89
C LYS C 33 2.62 -8.32 -12.53
N PRO C 34 2.05 -7.29 -13.17
CA PRO C 34 0.68 -6.91 -12.87
C PRO C 34 -0.35 -7.99 -13.24
N PHE C 35 -1.38 -8.10 -12.41
CA PHE C 35 -2.46 -9.07 -12.57
C PHE C 35 -3.73 -8.22 -12.76
N THR C 36 -4.30 -8.28 -13.97
CA THR C 36 -5.48 -7.50 -14.32
C THR C 36 -6.78 -8.29 -14.45
N LEU C 37 -7.75 -7.99 -13.61
CA LEU C 37 -9.03 -8.70 -13.66
C LEU C 37 -10.18 -7.72 -13.87
N GLU C 38 -11.27 -8.25 -14.44
CA GLU C 38 -12.46 -7.45 -14.70
C GLU C 38 -13.67 -8.20 -14.21
N ALA C 39 -14.52 -7.53 -13.45
CA ALA C 39 -15.70 -8.20 -12.94
C ALA C 39 -16.96 -7.41 -13.30
N LEU C 40 -17.99 -8.17 -13.64
CA LEU C 40 -19.29 -7.60 -14.00
C LEU C 40 -20.23 -8.01 -12.89
N PHE C 41 -20.76 -7.04 -12.14
CA PHE C 41 -21.68 -7.36 -11.06
C PHE C 41 -22.86 -6.39 -10.98
N ASP C 42 -23.94 -6.87 -10.36
CA ASP C 42 -25.15 -6.08 -10.17
C ASP C 42 -25.22 -5.57 -8.74
N ALA C 43 -25.33 -4.26 -8.58
CA ALA C 43 -25.42 -3.67 -7.26
C ALA C 43 -26.60 -4.26 -6.47
N ASN C 44 -26.35 -4.74 -5.26
CA ASN C 44 -27.41 -5.33 -4.44
C ASN C 44 -27.86 -4.32 -3.37
N GLN C 45 -27.60 -3.05 -3.62
CA GLN C 45 -27.94 -2.00 -2.68
C GLN C 45 -27.57 -0.66 -3.28
N ASN C 46 -27.83 0.40 -2.52
CA ASN C 46 -27.46 1.75 -2.94
C ASN C 46 -26.41 2.14 -1.92
N THR C 47 -25.27 2.63 -2.39
CA THR C 47 -24.18 3.00 -1.50
C THR C 47 -23.33 4.14 -2.05
N LYS C 48 -22.83 4.98 -1.14
CA LYS C 48 -22.00 6.11 -1.51
C LYS C 48 -20.54 5.69 -1.66
N THR C 49 -20.19 4.59 -1.01
CA THR C 49 -18.83 4.08 -1.05
C THR C 49 -18.76 2.63 -1.50
N ALA C 50 -17.64 2.28 -2.12
CA ALA C 50 -17.41 0.92 -2.59
C ALA C 50 -15.95 0.58 -2.36
N LYS C 51 -15.70 -0.46 -1.58
CA LYS C 51 -14.34 -0.89 -1.30
C LYS C 51 -14.09 -2.24 -1.96
N ILE C 52 -12.90 -2.40 -2.54
CA ILE C 52 -12.54 -3.65 -3.19
C ILE C 52 -11.31 -4.24 -2.52
N GLU C 53 -11.44 -5.47 -2.05
CA GLU C 53 -10.35 -6.18 -1.40
C GLU C 53 -10.00 -7.40 -2.22
N ILE C 54 -8.71 -7.68 -2.33
CA ILE C 54 -8.26 -8.86 -3.05
C ILE C 54 -7.21 -9.57 -2.24
N LYS C 55 -7.36 -10.87 -2.07
CA LYS C 55 -6.42 -11.68 -1.30
C LYS C 55 -6.16 -13.00 -2.00
N ALA C 56 -4.98 -13.55 -1.76
CA ALA C 56 -4.62 -14.84 -2.32
C ALA C 56 -4.39 -15.77 -1.14
N SER C 57 -4.82 -17.01 -1.28
CA SER C 57 -4.67 -17.99 -0.23
C SER C 57 -3.93 -19.20 -0.82
N LEU C 58 -2.81 -19.56 -0.22
CA LEU C 58 -2.03 -20.69 -0.71
C LEU C 58 -1.36 -21.53 0.35
N ASP C 59 -1.67 -22.83 0.33
CA ASP C 59 -1.09 -23.80 1.25
C ASP C 59 -1.02 -23.40 2.71
N GLY C 60 -2.11 -22.87 3.24
CA GLY C 60 -2.12 -22.49 4.65
C GLY C 60 -1.74 -21.06 4.93
N LEU C 61 -1.36 -20.31 3.90
CA LEU C 61 -0.97 -18.92 4.06
C LEU C 61 -1.88 -17.98 3.27
N GLU C 62 -2.10 -16.79 3.80
CA GLU C 62 -2.93 -15.79 3.14
C GLU C 62 -2.08 -14.54 2.91
N ILE C 63 -2.15 -13.99 1.71
CA ILE C 63 -1.36 -12.79 1.40
C ILE C 63 -2.22 -11.68 0.81
N ASP C 64 -1.74 -10.46 0.97
CA ASP C 64 -2.39 -9.29 0.39
C ASP C 64 -1.31 -8.23 0.24
N VAL C 65 -1.59 -7.19 -0.54
CA VAL C 65 -0.64 -6.11 -0.77
C VAL C 65 -1.14 -4.82 -0.12
N PRO C 66 -0.47 -4.36 0.94
CA PRO C 66 -0.90 -3.13 1.62
C PRO C 66 -0.53 -1.86 0.85
N GLY C 67 -1.33 -0.82 1.03
CA GLY C 67 -1.05 0.44 0.36
C GLY C 67 -1.65 0.59 -1.03
N ILE C 68 -2.45 -0.37 -1.46
CA ILE C 68 -3.05 -0.28 -2.79
C ILE C 68 -4.37 0.46 -2.70
N ASP C 69 -4.78 1.06 -3.80
CA ASP C 69 -6.03 1.80 -3.84
C ASP C 69 -7.17 0.79 -3.72
N THR C 70 -7.87 0.83 -2.60
CA THR C 70 -8.99 -0.08 -2.36
C THR C 70 -10.33 0.61 -2.51
N ASN C 71 -10.29 1.86 -2.96
CA ASN C 71 -11.50 2.64 -3.17
C ASN C 71 -12.07 2.31 -4.55
N ALA C 72 -13.07 1.43 -4.58
CA ALA C 72 -13.70 1.01 -5.82
C ALA C 72 -14.32 2.15 -6.61
N CYS C 73 -14.63 3.25 -5.92
CA CYS C 73 -15.25 4.38 -6.58
C CYS C 73 -14.32 5.16 -7.48
N HIS C 74 -13.07 4.72 -7.57
CA HIS C 74 -12.11 5.38 -8.45
C HIS C 74 -12.13 4.65 -9.78
N PHE C 75 -12.85 3.53 -9.81
CA PHE C 75 -12.93 2.70 -11.00
C PHE C 75 -14.33 2.56 -11.57
N VAL C 76 -15.33 2.90 -10.77
CA VAL C 76 -16.72 2.85 -11.21
C VAL C 76 -17.41 4.11 -10.72
N LYS C 77 -18.49 4.48 -11.39
CA LYS C 77 -19.26 5.68 -11.05
C LYS C 77 -20.12 5.52 -9.81
N CYS C 78 -19.71 6.16 -8.71
CA CYS C 78 -20.47 6.08 -7.47
C CYS C 78 -21.26 7.38 -7.29
N PRO C 79 -22.31 7.35 -6.45
CA PRO C 79 -22.76 6.18 -5.68
C PRO C 79 -23.41 5.14 -6.58
N LEU C 80 -23.44 3.90 -6.11
CA LEU C 80 -24.03 2.81 -6.88
C LEU C 80 -25.54 2.76 -6.70
N VAL C 81 -26.24 2.35 -7.75
CA VAL C 81 -27.69 2.24 -7.75
C VAL C 81 -28.12 0.78 -7.76
N LYS C 82 -28.81 0.36 -6.70
CA LYS C 82 -29.26 -1.03 -6.58
C LYS C 82 -29.83 -1.57 -7.88
N GLY C 83 -29.59 -2.85 -8.14
CA GLY C 83 -30.09 -3.50 -9.34
C GLY C 83 -29.29 -3.21 -10.60
N GLN C 84 -28.75 -2.01 -10.69
CA GLN C 84 -27.94 -1.60 -11.83
C GLN C 84 -26.65 -2.41 -11.90
N GLN C 85 -26.18 -2.68 -13.11
CA GLN C 85 -24.96 -3.48 -13.30
C GLN C 85 -23.72 -2.62 -13.51
N TYR C 86 -22.61 -3.07 -12.94
CA TYR C 86 -21.36 -2.34 -13.09
C TYR C 86 -20.23 -3.24 -13.59
N ASP C 87 -19.28 -2.63 -14.28
CA ASP C 87 -18.14 -3.33 -14.83
C ASP C 87 -16.83 -2.72 -14.32
N ILE C 88 -16.23 -3.36 -13.33
CA ILE C 88 -14.99 -2.84 -12.75
C ILE C 88 -13.72 -3.55 -13.21
N LYS C 89 -12.72 -2.76 -13.61
CA LYS C 89 -11.42 -3.24 -14.05
C LYS C 89 -10.39 -2.86 -12.99
N TYR C 90 -9.66 -3.84 -12.49
CA TYR C 90 -8.68 -3.59 -11.44
C TYR C 90 -7.37 -4.33 -11.64
N THR C 91 -6.25 -3.62 -11.50
CA THR C 91 -4.93 -4.23 -11.65
C THR C 91 -4.24 -4.43 -10.31
N TRP C 92 -3.97 -5.70 -9.99
CA TRP C 92 -3.32 -6.10 -8.74
C TRP C 92 -1.86 -6.49 -9.02
N ASN C 93 -0.94 -5.93 -8.25
CA ASN C 93 0.48 -6.22 -8.44
C ASN C 93 1.08 -7.06 -7.32
N VAL C 94 1.19 -8.36 -7.56
CA VAL C 94 1.77 -9.28 -6.59
C VAL C 94 3.28 -9.09 -6.60
N PRO C 95 3.89 -8.83 -5.43
CA PRO C 95 5.34 -8.64 -5.36
C PRO C 95 6.13 -9.92 -5.59
N LYS C 96 7.38 -9.77 -5.98
CA LYS C 96 8.25 -10.92 -6.25
C LYS C 96 8.49 -11.83 -5.05
N ILE C 97 8.40 -11.28 -3.84
CA ILE C 97 8.64 -12.07 -2.65
C ILE C 97 7.54 -13.10 -2.42
N ALA C 98 6.40 -12.90 -3.07
CA ALA C 98 5.28 -13.84 -2.91
C ALA C 98 5.79 -15.24 -3.23
N PRO C 99 5.47 -16.22 -2.38
CA PRO C 99 5.96 -17.57 -2.65
C PRO C 99 5.24 -18.22 -3.83
N LYS C 100 5.94 -19.13 -4.51
CA LYS C 100 5.36 -19.83 -5.64
C LYS C 100 4.50 -20.97 -5.13
N SER C 101 3.46 -21.30 -5.88
CA SER C 101 2.55 -22.37 -5.51
C SER C 101 1.64 -22.73 -6.65
N GLU C 102 1.32 -24.02 -6.75
CA GLU C 102 0.45 -24.54 -7.80
C GLU C 102 -0.95 -24.67 -7.23
N ASN C 103 -1.14 -24.22 -6.01
CA ASN C 103 -2.46 -24.32 -5.41
C ASN C 103 -2.91 -23.04 -4.74
N VAL C 104 -3.24 -22.02 -5.53
CA VAL C 104 -3.67 -20.76 -4.96
C VAL C 104 -5.08 -20.33 -5.35
N VAL C 105 -5.82 -19.88 -4.34
CA VAL C 105 -7.18 -19.39 -4.49
C VAL C 105 -7.15 -17.87 -4.41
N VAL C 106 -7.82 -17.21 -5.34
CA VAL C 106 -7.84 -15.76 -5.34
C VAL C 106 -9.27 -15.30 -5.09
N THR C 107 -9.50 -14.53 -4.03
CA THR C 107 -10.85 -14.06 -3.76
C THR C 107 -10.95 -12.55 -3.93
N VAL C 108 -11.93 -12.13 -4.72
CA VAL C 108 -12.17 -10.71 -4.95
C VAL C 108 -13.44 -10.37 -4.19
N LYS C 109 -13.38 -9.31 -3.39
CA LYS C 109 -14.55 -8.93 -2.61
C LYS C 109 -14.81 -7.43 -2.67
N LEU C 110 -16.07 -7.08 -2.90
CA LEU C 110 -16.47 -5.68 -2.95
C LEU C 110 -17.34 -5.44 -1.73
N ILE C 111 -17.19 -4.26 -1.12
CA ILE C 111 -18.00 -3.96 0.06
C ILE C 111 -18.58 -2.57 -0.03
N GLY C 112 -19.85 -2.46 0.36
CA GLY C 112 -20.52 -1.16 0.34
C GLY C 112 -21.06 -0.77 1.70
N ASP C 113 -21.64 0.42 1.77
CA ASP C 113 -22.22 0.97 2.99
C ASP C 113 -23.00 -0.02 3.85
N ASN C 114 -23.86 -0.81 3.21
CA ASN C 114 -24.69 -1.77 3.92
C ASN C 114 -24.20 -3.22 3.90
N GLY C 115 -22.94 -3.43 3.53
CA GLY C 115 -22.43 -4.79 3.52
C GLY C 115 -21.79 -5.25 2.23
N VAL C 116 -21.51 -6.55 2.17
CA VAL C 116 -20.89 -7.15 1.00
C VAL C 116 -21.65 -6.81 -0.26
N LEU C 117 -20.92 -6.32 -1.24
CA LEU C 117 -21.49 -5.94 -2.53
C LEU C 117 -21.40 -7.16 -3.44
N ALA C 118 -20.22 -7.78 -3.48
CA ALA C 118 -19.97 -8.94 -4.30
C ALA C 118 -18.80 -9.76 -3.74
N CYS C 119 -18.77 -11.05 -4.08
CA CYS C 119 -17.72 -11.94 -3.62
C CYS C 119 -17.54 -13.11 -4.58
N ALA C 120 -16.34 -13.20 -5.17
CA ALA C 120 -16.02 -14.27 -6.12
C ALA C 120 -14.67 -14.91 -5.80
N ILE C 121 -14.60 -16.22 -5.99
CA ILE C 121 -13.38 -16.97 -5.72
C ILE C 121 -12.86 -17.71 -6.96
N ALA C 122 -11.69 -17.32 -7.43
CA ALA C 122 -11.06 -17.97 -8.56
C ALA C 122 -10.20 -19.08 -7.96
N THR C 123 -10.61 -20.33 -8.11
CA THR C 123 -9.92 -21.47 -7.52
C THR C 123 -8.81 -22.17 -8.32
N HIS C 124 -8.50 -21.69 -9.51
CA HIS C 124 -7.47 -22.33 -10.34
C HIS C 124 -6.21 -21.49 -10.48
N GLY C 125 -5.94 -20.69 -9.45
CA GLY C 125 -4.78 -19.83 -9.48
C GLY C 125 -3.46 -20.54 -9.25
N LYS C 126 -2.40 -19.95 -9.80
CA LYS C 126 -1.06 -20.47 -9.64
C LYS C 126 -0.10 -19.30 -9.58
N ILE C 127 0.84 -19.34 -8.64
CA ILE C 127 1.84 -18.27 -8.56
C ILE C 127 3.17 -18.87 -9.01
N ARG C 128 3.74 -18.28 -10.04
CA ARG C 128 5.00 -18.75 -10.58
C ARG C 128 5.78 -17.50 -11.00
N ASP C 129 6.95 -17.69 -11.61
CA ASP C 129 7.74 -16.55 -12.06
C ASP C 129 7.13 -16.04 -13.35
N ASP D 1 2.31 3.05 -34.05
CA ASP D 1 3.09 3.96 -33.16
C ASP D 1 2.44 3.99 -31.78
N GLN D 2 1.16 3.64 -31.76
CA GLN D 2 0.39 3.57 -30.52
C GLN D 2 0.98 2.44 -29.69
N VAL D 3 0.71 2.43 -28.38
CA VAL D 3 1.22 1.37 -27.54
C VAL D 3 0.08 0.79 -26.72
N ASP D 4 0.21 -0.47 -26.32
CA ASP D 4 -0.82 -1.14 -25.53
C ASP D 4 -0.76 -0.78 -24.06
N VAL D 5 -1.78 -0.06 -23.60
CA VAL D 5 -1.84 0.34 -22.20
C VAL D 5 -3.10 -0.18 -21.54
N LYS D 6 -3.09 -0.22 -20.22
CA LYS D 6 -4.24 -0.65 -19.43
C LYS D 6 -4.78 0.64 -18.84
N ASP D 7 -6.10 0.77 -18.81
CA ASP D 7 -6.72 1.96 -18.25
C ASP D 7 -6.89 1.80 -16.74
N CYS D 8 -6.46 2.80 -15.96
CA CYS D 8 -6.61 2.71 -14.50
C CYS D 8 -7.55 3.78 -13.94
N ALA D 9 -8.53 4.16 -14.75
CA ALA D 9 -9.53 5.15 -14.35
C ALA D 9 -10.88 4.71 -14.92
N ASN D 10 -11.35 5.42 -15.93
CA ASN D 10 -12.64 5.11 -16.54
C ASN D 10 -12.64 5.28 -18.06
N ASN D 11 -11.57 4.83 -18.70
CA ASN D 11 -11.44 4.86 -20.16
C ASN D 11 -11.45 6.22 -20.86
N GLU D 12 -10.99 7.27 -20.18
CA GLU D 12 -10.95 8.58 -20.82
C GLU D 12 -9.77 8.67 -21.78
N ILE D 13 -8.78 7.81 -21.56
CA ILE D 13 -7.61 7.77 -22.46
C ILE D 13 -8.11 7.08 -23.73
N LYS D 14 -7.88 7.71 -24.87
CA LYS D 14 -8.30 7.15 -26.14
C LYS D 14 -7.17 6.39 -26.78
N LYS D 15 -5.97 6.96 -26.70
CA LYS D 15 -4.79 6.33 -27.24
C LYS D 15 -3.55 7.02 -26.67
N VAL D 16 -2.46 6.28 -26.59
CA VAL D 16 -1.22 6.83 -26.07
C VAL D 16 -0.08 6.28 -26.90
N MET D 17 0.79 7.17 -27.33
CA MET D 17 1.95 6.79 -28.11
C MET D 17 3.22 7.32 -27.49
N VAL D 18 4.31 6.57 -27.62
CA VAL D 18 5.58 7.00 -27.08
C VAL D 18 6.63 6.84 -28.16
N ASP D 19 7.50 7.84 -28.26
CA ASP D 19 8.58 7.86 -29.23
C ASP D 19 9.39 6.56 -29.19
N GLY D 20 9.39 5.83 -30.30
CA GLY D 20 10.16 4.61 -30.39
C GLY D 20 9.60 3.34 -29.80
N CYS D 21 8.31 3.31 -29.51
CA CYS D 21 7.70 2.10 -28.97
C CYS D 21 6.53 1.74 -29.88
N HIS D 22 6.01 0.52 -29.74
CA HIS D 22 4.93 0.08 -30.62
C HIS D 22 4.20 -1.12 -30.01
N GLY D 23 2.89 -1.11 -30.11
CA GLY D 23 2.08 -2.21 -29.60
C GLY D 23 2.46 -2.70 -28.23
N SER D 24 2.62 -4.01 -28.09
CA SER D 24 2.98 -4.63 -26.82
C SER D 24 4.43 -5.08 -26.76
N ASP D 25 5.25 -4.59 -27.68
CA ASP D 25 6.66 -4.97 -27.68
C ASP D 25 7.38 -4.21 -26.58
N PRO D 26 8.54 -4.71 -26.13
CA PRO D 26 9.26 -4.01 -25.06
C PRO D 26 9.50 -2.54 -25.38
N CYS D 27 9.07 -1.67 -24.46
CA CYS D 27 9.27 -0.25 -24.65
C CYS D 27 10.51 0.07 -23.82
N ILE D 28 11.58 0.47 -24.50
CA ILE D 28 12.83 0.75 -23.82
C ILE D 28 13.01 2.19 -23.41
N ILE D 29 13.23 2.39 -22.10
CA ILE D 29 13.48 3.71 -21.56
C ILE D 29 14.98 3.79 -21.33
N HIS D 30 15.62 4.75 -21.98
CA HIS D 30 17.06 4.93 -21.84
C HIS D 30 17.38 6.00 -20.81
N ARG D 31 17.98 5.59 -19.70
CA ARG D 31 18.34 6.52 -18.62
C ARG D 31 19.13 7.67 -19.19
N GLY D 32 18.88 8.87 -18.69
CA GLY D 32 19.61 10.03 -19.17
C GLY D 32 19.09 10.55 -20.48
N LYS D 33 18.22 9.77 -21.12
CA LYS D 33 17.62 10.18 -22.40
C LYS D 33 16.16 10.57 -22.21
N PRO D 34 15.70 11.56 -22.98
CA PRO D 34 14.31 11.99 -22.87
C PRO D 34 13.35 10.90 -23.33
N PHE D 35 12.24 10.78 -22.62
CA PHE D 35 11.20 9.80 -22.93
C PHE D 35 10.01 10.64 -23.36
N THR D 36 9.69 10.59 -24.65
CA THR D 36 8.57 11.37 -25.19
C THR D 36 7.29 10.56 -25.37
N LEU D 37 6.21 11.05 -24.76
CA LEU D 37 4.92 10.36 -24.88
C LEU D 37 3.83 11.34 -25.28
N GLU D 38 2.72 10.79 -25.76
CA GLU D 38 1.60 11.59 -26.21
C GLU D 38 0.32 10.85 -25.87
N ALA D 39 -0.63 11.56 -25.27
CA ALA D 39 -1.90 10.95 -24.89
C ALA D 39 -3.09 11.73 -25.41
N LEU D 40 -4.02 11.00 -26.00
CA LEU D 40 -5.25 11.57 -26.52
C LEU D 40 -6.30 11.16 -25.52
N PHE D 41 -7.01 12.11 -24.93
CA PHE D 41 -8.03 11.77 -23.96
C PHE D 41 -9.19 12.74 -24.01
N ASP D 42 -10.32 12.32 -23.44
CA ASP D 42 -11.53 13.14 -23.38
C ASP D 42 -11.72 13.57 -21.94
N ALA D 43 -11.95 14.87 -21.75
CA ALA D 43 -12.16 15.41 -20.41
C ALA D 43 -13.47 14.84 -19.83
N ASN D 44 -13.39 14.36 -18.59
CA ASN D 44 -14.58 13.81 -17.93
C ASN D 44 -15.09 14.84 -16.93
N GLN D 45 -14.76 16.10 -17.16
CA GLN D 45 -15.15 17.16 -16.24
C GLN D 45 -14.67 18.50 -16.76
N ASN D 46 -15.24 19.57 -16.21
CA ASN D 46 -14.81 20.91 -16.56
C ASN D 46 -13.88 21.21 -15.39
N THR D 47 -12.65 21.61 -15.70
CA THR D 47 -11.66 21.89 -14.65
C THR D 47 -10.78 23.07 -15.09
N LYS D 48 -10.36 23.87 -14.12
CA LYS D 48 -9.52 25.03 -14.40
C LYS D 48 -8.06 24.63 -14.42
N THR D 49 -7.71 23.70 -13.54
CA THR D 49 -6.34 23.22 -13.43
C THR D 49 -6.24 21.79 -13.94
N ALA D 50 -5.02 21.40 -14.26
CA ALA D 50 -4.74 20.05 -14.74
C ALA D 50 -3.31 19.72 -14.34
N LYS D 51 -3.13 18.57 -13.73
CA LYS D 51 -1.82 18.14 -13.32
C LYS D 51 -1.50 16.78 -13.96
N ILE D 52 -0.29 16.65 -14.48
CA ILE D 52 0.13 15.38 -15.06
C ILE D 52 1.30 14.83 -14.25
N GLU D 53 1.13 13.58 -13.84
CA GLU D 53 2.13 12.86 -13.07
C GLU D 53 2.53 11.60 -13.81
N ILE D 54 3.81 11.30 -13.82
CA ILE D 54 4.33 10.09 -14.45
C ILE D 54 5.28 9.40 -13.45
N LYS D 55 5.02 8.12 -13.24
CA LYS D 55 5.85 7.33 -12.34
C LYS D 55 6.21 6.04 -13.04
N ALA D 56 7.25 5.38 -12.55
CA ALA D 56 7.68 4.11 -13.11
C ALA D 56 7.80 3.23 -11.88
N SER D 57 7.30 2.01 -11.99
CA SER D 57 7.36 1.08 -10.88
C SER D 57 8.24 -0.08 -11.30
N LEU D 58 9.12 -0.52 -10.39
CA LEU D 58 10.04 -1.61 -10.70
C LEU D 58 10.60 -2.32 -9.49
N ASP D 59 10.33 -3.60 -9.40
CA ASP D 59 10.86 -4.43 -8.33
C ASP D 59 10.76 -3.80 -6.94
N GLY D 60 9.54 -3.50 -6.50
CA GLY D 60 9.34 -2.94 -5.18
C GLY D 60 9.73 -1.49 -4.98
N LEU D 61 10.07 -0.79 -6.05
CA LEU D 61 10.45 0.62 -5.93
C LEU D 61 9.68 1.46 -6.93
N GLU D 62 9.25 2.64 -6.50
CA GLU D 62 8.52 3.54 -7.36
C GLU D 62 9.32 4.83 -7.51
N ILE D 63 9.51 5.27 -8.74
CA ILE D 63 10.29 6.48 -8.98
C ILE D 63 9.55 7.55 -9.79
N ASP D 64 9.94 8.80 -9.55
CA ASP D 64 9.40 9.96 -10.25
C ASP D 64 10.56 10.97 -10.34
N VAL D 65 10.41 12.01 -11.16
CA VAL D 65 11.46 12.99 -11.32
C VAL D 65 11.07 14.34 -10.74
N PRO D 66 11.80 14.80 -9.72
CA PRO D 66 11.46 16.08 -9.11
C PRO D 66 11.95 17.25 -9.94
N GLY D 67 11.25 18.37 -9.83
CA GLY D 67 11.65 19.57 -10.56
C GLY D 67 11.13 19.69 -11.96
N ILE D 68 10.28 18.77 -12.38
CA ILE D 68 9.74 18.87 -13.73
C ILE D 68 8.40 19.60 -13.66
N ASP D 69 7.99 20.16 -14.79
CA ASP D 69 6.73 20.89 -14.87
C ASP D 69 5.57 19.90 -14.93
N THR D 70 4.76 19.87 -13.88
CA THR D 70 3.63 18.94 -13.82
C THR D 70 2.31 19.64 -14.06
N ASN D 71 2.38 20.88 -14.53
CA ASN D 71 1.20 21.67 -14.82
C ASN D 71 0.79 21.37 -16.26
N ALA D 72 -0.23 20.52 -16.43
CA ALA D 72 -0.69 20.15 -17.77
C ALA D 72 -1.23 21.34 -18.54
N CYS D 73 -1.66 22.37 -17.82
CA CYS D 73 -2.20 23.55 -18.47
C CYS D 73 -1.15 24.31 -19.27
N HIS D 74 0.08 23.80 -19.24
CA HIS D 74 1.18 24.41 -20.01
C HIS D 74 1.32 23.65 -21.32
N PHE D 75 0.55 22.58 -21.47
CA PHE D 75 0.60 21.74 -22.66
C PHE D 75 -0.70 21.66 -23.42
N VAL D 76 -1.80 21.96 -22.75
CA VAL D 76 -3.11 21.94 -23.37
C VAL D 76 -3.88 23.18 -22.93
N LYS D 77 -4.88 23.57 -23.71
CA LYS D 77 -5.68 24.74 -23.42
C LYS D 77 -6.64 24.58 -22.24
N CYS D 78 -6.33 25.22 -21.12
CA CYS D 78 -7.20 25.16 -19.95
C CYS D 78 -8.00 26.47 -19.91
N PRO D 79 -9.15 26.47 -19.23
CA PRO D 79 -9.73 25.34 -18.50
C PRO D 79 -10.24 24.26 -19.45
N LEU D 80 -10.43 23.05 -18.93
CA LEU D 80 -10.88 21.96 -19.77
C LEU D 80 -12.41 21.86 -19.82
N VAL D 81 -12.93 21.54 -21.00
CA VAL D 81 -14.35 21.42 -21.21
C VAL D 81 -14.76 19.94 -21.26
N LYS D 82 -15.63 19.55 -20.34
CA LYS D 82 -16.12 18.16 -20.26
C LYS D 82 -16.61 17.60 -21.59
N GLY D 83 -16.20 16.38 -21.89
CA GLY D 83 -16.62 15.74 -23.13
C GLY D 83 -15.71 16.06 -24.31
N GLN D 84 -15.03 17.19 -24.24
CA GLN D 84 -14.13 17.59 -25.32
C GLN D 84 -12.85 16.76 -25.26
N GLN D 85 -12.23 16.56 -26.42
CA GLN D 85 -11.02 15.76 -26.51
C GLN D 85 -9.74 16.59 -26.50
N TYR D 86 -8.73 16.10 -25.79
CA TYR D 86 -7.45 16.79 -25.71
C TYR D 86 -6.26 15.90 -26.06
N ASP D 87 -5.23 16.55 -26.62
CA ASP D 87 -4.00 15.87 -27.01
C ASP D 87 -2.80 16.50 -26.28
N ILE D 88 -2.18 15.71 -25.40
CA ILE D 88 -1.04 16.21 -24.66
C ILE D 88 0.27 15.49 -24.99
N LYS D 89 1.27 16.27 -25.38
CA LYS D 89 2.61 15.77 -25.71
C LYS D 89 3.55 16.21 -24.59
N TYR D 90 4.13 15.24 -23.89
CA TYR D 90 4.99 15.52 -22.75
C TYR D 90 6.30 14.73 -22.80
N THR D 91 7.43 15.41 -22.59
CA THR D 91 8.72 14.75 -22.59
C THR D 91 9.22 14.50 -21.17
N TRP D 92 9.42 13.22 -20.82
CA TRP D 92 9.86 12.84 -19.49
C TRP D 92 11.35 12.49 -19.53
N ASN D 93 12.13 13.13 -18.64
CA ASN D 93 13.57 12.92 -18.58
C ASN D 93 14.05 12.07 -17.41
N VAL D 94 14.16 10.76 -17.63
CA VAL D 94 14.61 9.85 -16.60
C VAL D 94 16.11 10.08 -16.34
N PRO D 95 16.48 10.34 -15.08
CA PRO D 95 17.88 10.56 -14.74
C PRO D 95 18.71 9.28 -14.85
N LYS D 96 20.01 9.43 -15.10
CA LYS D 96 20.91 8.28 -15.23
C LYS D 96 20.99 7.43 -13.97
N ILE D 97 20.76 8.04 -12.81
CA ILE D 97 20.84 7.30 -11.56
C ILE D 97 19.69 6.33 -11.39
N ALA D 98 18.67 6.45 -12.23
CA ALA D 98 17.53 5.53 -12.14
C ALA D 98 18.09 4.12 -12.37
N PRO D 99 17.73 3.17 -11.50
CA PRO D 99 18.23 1.81 -11.65
C PRO D 99 17.68 1.11 -12.90
N LYS D 100 18.44 0.17 -13.45
CA LYS D 100 18.02 -0.56 -14.63
C LYS D 100 17.09 -1.71 -14.24
N SER D 101 16.17 -2.06 -15.13
CA SER D 101 15.21 -3.14 -14.87
C SER D 101 14.52 -3.59 -16.14
N GLU D 102 14.23 -4.88 -16.21
CA GLU D 102 13.58 -5.46 -17.37
C GLU D 102 12.09 -5.62 -17.11
N ASN D 103 11.64 -5.23 -15.92
CA ASN D 103 10.23 -5.34 -15.57
C ASN D 103 9.74 -4.04 -14.95
N VAL D 104 9.47 -3.05 -15.79
CA VAL D 104 8.99 -1.79 -15.26
C VAL D 104 7.69 -1.29 -15.88
N VAL D 105 6.78 -0.95 -14.98
CA VAL D 105 5.47 -0.44 -15.31
C VAL D 105 5.47 1.08 -15.19
N VAL D 106 5.02 1.73 -16.26
CA VAL D 106 4.94 3.19 -16.27
C VAL D 106 3.46 3.55 -16.18
N THR D 107 3.13 4.54 -15.35
CA THR D 107 1.76 4.99 -15.21
C THR D 107 1.70 6.48 -15.49
N VAL D 108 0.76 6.88 -16.33
CA VAL D 108 0.57 8.28 -16.67
C VAL D 108 -0.80 8.64 -16.08
N LYS D 109 -0.84 9.69 -15.28
CA LYS D 109 -2.08 10.11 -14.65
C LYS D 109 -2.28 11.61 -14.73
N LEU D 110 -3.48 12.01 -15.13
CA LEU D 110 -3.84 13.42 -15.23
C LEU D 110 -4.87 13.66 -14.13
N ILE D 111 -4.71 14.72 -13.34
CA ILE D 111 -5.65 15.03 -12.27
C ILE D 111 -6.25 16.40 -12.50
N GLY D 112 -7.55 16.53 -12.22
CA GLY D 112 -8.23 17.81 -12.40
C GLY D 112 -8.88 18.32 -11.13
N ASP D 113 -9.59 19.44 -11.22
CA ASP D 113 -10.26 20.04 -10.06
C ASP D 113 -11.13 19.05 -9.29
N ASN D 114 -11.96 18.30 -10.02
CA ASN D 114 -12.88 17.35 -9.41
C ASN D 114 -12.39 15.91 -9.37
N GLY D 115 -11.09 15.69 -9.43
CA GLY D 115 -10.57 14.33 -9.39
C GLY D 115 -9.75 13.90 -10.60
N VAL D 116 -9.53 12.60 -10.71
CA VAL D 116 -8.73 12.03 -11.80
C VAL D 116 -9.33 12.30 -13.18
N LEU D 117 -8.49 12.78 -14.09
CA LEU D 117 -8.89 13.09 -15.46
C LEU D 117 -8.69 11.85 -16.32
N ALA D 118 -7.52 11.21 -16.19
CA ALA D 118 -7.20 10.00 -16.95
C ALA D 118 -6.08 9.20 -16.27
N CYS D 119 -6.02 7.91 -16.59
CA CYS D 119 -5.02 7.02 -16.01
C CYS D 119 -4.75 5.85 -16.95
N ALA D 120 -3.48 5.67 -17.31
CA ALA D 120 -3.10 4.58 -18.20
C ALA D 120 -1.79 3.95 -17.76
N ILE D 121 -1.72 2.63 -17.86
CA ILE D 121 -0.53 1.88 -17.47
C ILE D 121 0.14 1.19 -18.65
N ALA D 122 1.43 1.48 -18.84
CA ALA D 122 2.22 0.86 -19.90
C ALA D 122 3.02 -0.25 -19.19
N THR D 123 2.61 -1.50 -19.39
CA THR D 123 3.24 -2.64 -18.73
C THR D 123 4.49 -3.28 -19.37
N HIS D 124 4.86 -2.89 -20.58
CA HIS D 124 6.03 -3.51 -21.23
C HIS D 124 7.24 -2.60 -21.25
N GLY D 125 7.49 -1.95 -20.10
CA GLY D 125 8.62 -1.04 -20.02
C GLY D 125 9.89 -1.70 -19.55
N LYS D 126 11.00 -1.11 -19.93
CA LYS D 126 12.31 -1.60 -19.56
C LYS D 126 13.23 -0.40 -19.44
N ILE D 127 14.00 -0.34 -18.36
CA ILE D 127 14.92 0.77 -18.21
C ILE D 127 16.30 0.21 -18.48
N ARG D 128 17.00 0.82 -19.43
CA ARG D 128 18.35 0.38 -19.77
C ARG D 128 19.14 1.61 -20.16
N ASP D 129 20.40 1.40 -20.54
CA ASP D 129 21.26 2.48 -20.95
C ASP D 129 20.90 2.90 -22.36
#